data_8XY3
#
_entry.id   8XY3
#
_cell.length_a   59.064
_cell.length_b   153.786
_cell.length_c   132.146
_cell.angle_alpha   90.000
_cell.angle_beta   90.000
_cell.angle_gamma   90.000
#
_symmetry.space_group_name_H-M   'C 2 2 21'
#
loop_
_entity.id
_entity.type
_entity.pdbx_description
1 polymer P1L
2 water water
#
_entity_poly.entity_id   1
_entity_poly.type   'polypeptide(L)'
_entity_poly.pdbx_seq_one_letter_code
;MGHHHHHHSGENLYFQGASMRTLLIRYILWRNDGDPSYYNDDFEKLMLLDELVDDSDVCTLIKNMRMTLSDGPLLDRLNQ
PVNNVEDVKRMIAISAKVARDIGERPEIRWEESFTILFRMIETYFDDLMIDLYGEK
;
_entity_poly.pdbx_strand_id   C,B,D,A
#
# COMPACT_ATOMS: atom_id res chain seq x y z
N PHE A 15 -15.91 9.34 -5.36
CA PHE A 15 -16.96 8.50 -4.66
C PHE A 15 -18.11 9.38 -4.17
N GLN A 16 -19.32 9.15 -4.70
CA GLN A 16 -20.54 9.97 -4.45
C GLN A 16 -21.55 9.19 -3.60
N GLY A 17 -21.16 8.02 -3.07
CA GLY A 17 -21.98 7.20 -2.15
C GLY A 17 -21.74 7.61 -0.70
N ALA A 18 -22.68 7.32 0.20
CA ALA A 18 -22.62 7.74 1.63
C ALA A 18 -22.08 6.63 2.54
N SER A 19 -22.07 5.36 2.08
CA SER A 19 -21.81 4.16 2.93
C SER A 19 -20.63 3.34 2.42
N MET A 20 -19.57 3.30 3.20
CA MET A 20 -18.46 2.33 3.02
C MET A 20 -18.98 0.89 3.18
N ARG A 21 -19.94 0.66 4.07
CA ARG A 21 -20.58 -0.66 4.26
C ARG A 21 -21.16 -1.17 2.93
N THR A 22 -22.06 -0.39 2.34
CA THR A 22 -22.74 -0.73 1.07
C THR A 22 -21.69 -0.99 -0.02
N LEU A 23 -20.70 -0.11 -0.15
CA LEU A 23 -19.64 -0.25 -1.16
C LEU A 23 -18.90 -1.59 -0.97
N LEU A 24 -18.48 -1.90 0.26
CA LEU A 24 -17.62 -3.08 0.52
C LEU A 24 -18.45 -4.35 0.33
N ILE A 25 -19.73 -4.33 0.70
CA ILE A 25 -20.62 -5.52 0.47
C ILE A 25 -20.65 -5.74 -1.04
N ARG A 26 -20.94 -4.69 -1.80
CA ARG A 26 -21.05 -4.82 -3.27
C ARG A 26 -19.72 -5.32 -3.86
N TYR A 27 -18.62 -4.71 -3.46
CA TYR A 27 -17.28 -5.02 -3.97
C TYR A 27 -16.98 -6.50 -3.73
N ILE A 28 -17.11 -6.97 -2.48
CA ILE A 28 -16.71 -8.35 -2.12
C ILE A 28 -17.60 -9.34 -2.90
N LEU A 29 -18.91 -9.09 -2.99
CA LEU A 29 -19.82 -10.01 -3.72
C LEU A 29 -19.44 -10.07 -5.19
N TRP A 30 -19.03 -8.94 -5.76
CA TRP A 30 -18.56 -8.91 -7.16
C TRP A 30 -17.23 -9.68 -7.31
N ARG A 31 -16.32 -9.60 -6.34
CA ARG A 31 -15.04 -10.36 -6.42
C ARG A 31 -15.36 -11.85 -6.33
N ASN A 32 -16.49 -12.21 -5.70
CA ASN A 32 -16.88 -13.63 -5.56
C ASN A 32 -17.43 -14.14 -6.90
N ASP A 33 -18.35 -13.44 -7.57
CA ASP A 33 -19.04 -14.02 -8.77
C ASP A 33 -18.43 -13.53 -10.09
N GLY A 34 -17.62 -12.47 -10.08
CA GLY A 34 -16.98 -11.95 -11.30
C GLY A 34 -17.99 -11.63 -12.41
N ASP A 35 -19.21 -11.25 -12.04
CA ASP A 35 -20.31 -10.97 -13.00
C ASP A 35 -20.10 -9.55 -13.52
N PRO A 36 -19.80 -9.40 -14.82
CA PRO A 36 -19.50 -8.09 -15.38
C PRO A 36 -20.70 -7.10 -15.34
N SER A 37 -21.93 -7.58 -15.25
CA SER A 37 -23.14 -6.73 -15.03
C SER A 37 -23.12 -6.07 -13.66
N TYR A 38 -22.36 -6.61 -12.69
CA TYR A 38 -22.31 -6.05 -11.32
C TYR A 38 -21.01 -5.28 -11.12
N TYR A 39 -20.23 -5.05 -12.18
CA TYR A 39 -19.04 -4.16 -12.10
C TYR A 39 -19.50 -2.73 -11.80
N ASN A 40 -18.72 -2.00 -11.01
CA ASN A 40 -18.92 -0.54 -10.82
C ASN A 40 -17.54 0.08 -10.74
N ASP A 41 -17.34 1.28 -11.28
CA ASP A 41 -16.01 1.94 -11.33
C ASP A 41 -15.63 2.38 -9.91
N ASP A 42 -16.60 2.47 -8.98
CA ASP A 42 -16.35 2.61 -7.52
C ASP A 42 -15.33 1.56 -7.06
N PHE A 43 -15.28 0.41 -7.72
CA PHE A 43 -14.46 -0.76 -7.31
C PHE A 43 -12.99 -0.59 -7.69
N GLU A 44 -12.66 0.30 -8.63
CA GLU A 44 -11.28 0.40 -9.18
C GLU A 44 -10.28 0.69 -8.06
N LYS A 45 -10.61 1.61 -7.16
CA LYS A 45 -9.73 2.03 -6.05
C LYS A 45 -9.57 0.88 -5.04
N LEU A 46 -10.58 0.01 -4.88
CA LEU A 46 -10.55 -1.16 -3.99
C LEU A 46 -9.69 -2.25 -4.61
N MET A 47 -9.70 -2.40 -5.94
CA MET A 47 -8.93 -3.44 -6.67
C MET A 47 -7.43 -3.19 -6.52
N LEU A 48 -7.00 -1.94 -6.37
CA LEU A 48 -5.57 -1.56 -6.16
C LEU A 48 -5.03 -2.19 -4.85
N LEU A 49 -5.91 -2.51 -3.90
CA LEU A 49 -5.50 -3.09 -2.60
C LEU A 49 -5.04 -4.53 -2.79
N ASP A 50 -5.34 -5.18 -3.91
CA ASP A 50 -4.93 -6.58 -4.20
C ASP A 50 -3.41 -6.74 -4.05
N GLU A 51 -2.63 -5.66 -4.19
CA GLU A 51 -1.15 -5.67 -4.07
C GLU A 51 -0.74 -6.03 -2.63
N LEU A 52 -1.61 -5.83 -1.64
CA LEU A 52 -1.27 -6.06 -0.21
C LEU A 52 -1.30 -7.55 0.14
N VAL A 53 -1.70 -8.44 -0.77
CA VAL A 53 -1.84 -9.91 -0.50
C VAL A 53 -1.39 -10.70 -1.73
N ASP A 54 -0.38 -11.55 -1.58
CA ASP A 54 0.10 -12.46 -2.65
C ASP A 54 -0.94 -13.57 -2.87
N ASP A 55 -1.26 -13.84 -4.14
CA ASP A 55 -2.16 -14.95 -4.55
C ASP A 55 -1.69 -16.25 -3.88
N SER A 56 -0.39 -16.38 -3.64
CA SER A 56 0.31 -17.56 -3.09
C SER A 56 -0.13 -17.85 -1.65
N ASP A 57 -0.52 -16.83 -0.89
CA ASP A 57 -0.84 -16.93 0.57
C ASP A 57 -2.32 -17.24 0.76
N VAL A 58 -3.15 -17.13 -0.27
CA VAL A 58 -4.64 -17.14 -0.11
C VAL A 58 -5.07 -18.49 0.49
N CYS A 59 -4.61 -19.61 -0.09
CA CYS A 59 -4.82 -21.00 0.40
C CYS A 59 -4.49 -21.11 1.90
N THR A 60 -3.37 -20.51 2.31
CA THR A 60 -2.88 -20.52 3.72
C THR A 60 -3.90 -19.79 4.59
N LEU A 61 -4.36 -18.62 4.14
CA LEU A 61 -5.33 -17.78 4.90
C LEU A 61 -6.64 -18.56 5.04
N ILE A 62 -7.12 -19.20 3.98
CA ILE A 62 -8.39 -19.98 4.00
C ILE A 62 -8.28 -21.08 5.08
N LYS A 63 -7.17 -21.83 5.07
CA LYS A 63 -6.88 -22.95 6.02
C LYS A 63 -6.80 -22.39 7.44
N ASN A 64 -6.12 -21.26 7.65
CA ASN A 64 -6.01 -20.59 8.98
C ASN A 64 -7.39 -20.13 9.47
N MET A 65 -8.32 -19.80 8.58
CA MET A 65 -9.67 -19.35 9.00
C MET A 65 -10.61 -20.57 9.15
N ARG A 66 -10.09 -21.78 8.90
CA ARG A 66 -10.80 -23.07 9.22
C ARG A 66 -12.15 -23.06 8.53
N MET A 67 -12.17 -22.55 7.29
CA MET A 67 -13.42 -22.26 6.57
C MET A 67 -14.01 -23.57 6.06
N THR A 68 -15.33 -23.74 6.21
CA THR A 68 -16.12 -24.82 5.58
C THR A 68 -16.70 -24.28 4.27
N LEU A 69 -17.41 -25.15 3.55
CA LEU A 69 -18.02 -24.78 2.26
C LEU A 69 -19.14 -23.75 2.51
N SER A 70 -19.65 -23.61 3.75
CA SER A 70 -20.78 -22.69 4.07
C SER A 70 -20.24 -21.31 4.52
N ASP A 71 -18.92 -21.10 4.57
CA ASP A 71 -18.28 -19.89 5.13
C ASP A 71 -17.75 -18.96 4.04
N GLY A 72 -17.98 -17.66 4.23
CA GLY A 72 -17.20 -16.59 3.58
C GLY A 72 -15.95 -16.34 4.38
N PRO A 73 -15.14 -15.31 4.02
CA PRO A 73 -13.96 -14.98 4.80
C PRO A 73 -14.28 -14.80 6.29
N LEU A 74 -13.53 -15.41 7.21
CA LEU A 74 -13.79 -15.25 8.66
C LEU A 74 -12.53 -14.68 9.30
N LEU A 75 -12.37 -13.36 9.16
CA LEU A 75 -11.09 -12.65 9.37
C LEU A 75 -10.65 -12.68 10.84
N ASP A 76 -11.58 -12.81 11.78
CA ASP A 76 -11.26 -12.77 13.24
C ASP A 76 -10.44 -14.02 13.63
N ARG A 77 -10.48 -15.07 12.81
CA ARG A 77 -9.73 -16.33 13.04
C ARG A 77 -8.27 -16.19 12.60
N LEU A 78 -7.90 -15.14 11.87
CA LEU A 78 -6.49 -14.86 11.46
C LEU A 78 -5.68 -14.35 12.66
N ASN A 79 -6.37 -13.88 13.72
CA ASN A 79 -5.74 -13.27 14.92
C ASN A 79 -4.69 -12.26 14.47
N GLN A 80 -5.05 -11.45 13.48
CA GLN A 80 -4.21 -10.35 12.96
C GLN A 80 -4.73 -9.03 13.51
N PRO A 81 -3.83 -8.06 13.70
CA PRO A 81 -4.20 -6.77 14.29
C PRO A 81 -4.90 -5.84 13.31
N VAL A 82 -5.84 -5.03 13.79
CA VAL A 82 -6.43 -3.88 13.07
C VAL A 82 -6.30 -2.63 13.94
N ASN A 83 -5.25 -1.83 13.70
CA ASN A 83 -4.85 -0.67 14.54
C ASN A 83 -4.82 0.63 13.73
N ASN A 84 -4.87 0.54 12.39
CA ASN A 84 -4.76 1.70 11.47
C ASN A 84 -5.42 1.38 10.13
N VAL A 85 -5.54 2.37 9.27
CA VAL A 85 -6.26 2.27 7.96
C VAL A 85 -5.53 1.27 7.06
N GLU A 86 -4.21 1.13 7.19
CA GLU A 86 -3.38 0.21 6.37
C GLU A 86 -3.78 -1.24 6.69
N ASP A 87 -4.04 -1.56 7.95
CA ASP A 87 -4.54 -2.89 8.40
C ASP A 87 -5.93 -3.14 7.81
N VAL A 88 -6.80 -2.11 7.78
CA VAL A 88 -8.16 -2.19 7.19
C VAL A 88 -8.06 -2.57 5.70
N LYS A 89 -7.14 -1.93 4.98
CA LYS A 89 -6.96 -2.14 3.52
C LYS A 89 -6.48 -3.58 3.29
N ARG A 90 -5.61 -4.11 4.15
CA ARG A 90 -5.13 -5.52 4.05
C ARG A 90 -6.33 -6.45 4.26
N MET A 91 -7.21 -6.15 5.23
CA MET A 91 -8.38 -7.01 5.55
C MET A 91 -9.34 -7.03 4.34
N ILE A 92 -9.52 -5.88 3.69
CA ILE A 92 -10.36 -5.78 2.47
C ILE A 92 -9.74 -6.65 1.38
N ALA A 93 -8.46 -6.47 1.13
CA ALA A 93 -7.71 -7.27 0.13
C ALA A 93 -7.85 -8.77 0.40
N ILE A 94 -7.72 -9.20 1.67
CA ILE A 94 -7.83 -10.63 2.03
C ILE A 94 -9.25 -11.07 1.70
N SER A 95 -10.25 -10.27 2.09
CA SER A 95 -11.67 -10.58 1.88
C SER A 95 -11.89 -10.77 0.37
N ALA A 96 -11.35 -9.87 -0.42
CA ALA A 96 -11.54 -9.87 -1.90
C ALA A 96 -10.94 -11.15 -2.50
N LYS A 97 -9.66 -11.46 -2.20
CA LYS A 97 -9.00 -12.62 -2.83
C LYS A 97 -9.63 -13.92 -2.32
N VAL A 98 -9.98 -13.99 -1.05
CA VAL A 98 -10.62 -15.22 -0.51
C VAL A 98 -11.97 -15.36 -1.21
N ALA A 99 -12.75 -14.28 -1.29
CA ALA A 99 -14.06 -14.29 -1.97
C ALA A 99 -13.84 -14.77 -3.41
N ARG A 100 -12.80 -14.31 -4.08
CA ARG A 100 -12.45 -14.77 -5.45
C ARG A 100 -12.19 -16.28 -5.46
N ASP A 101 -11.40 -16.80 -4.52
CA ASP A 101 -10.85 -18.18 -4.65
C ASP A 101 -11.86 -19.20 -4.12
N ILE A 102 -12.86 -18.83 -3.31
CA ILE A 102 -13.74 -19.88 -2.70
C ILE A 102 -14.87 -20.28 -3.65
N GLY A 103 -15.09 -19.54 -4.74
CA GLY A 103 -16.14 -19.91 -5.73
C GLY A 103 -17.49 -19.29 -5.42
N GLU A 104 -18.32 -19.11 -6.45
CA GLU A 104 -19.71 -18.57 -6.31
C GLU A 104 -20.63 -19.74 -6.00
N ARG A 105 -21.01 -19.89 -4.73
CA ARG A 105 -21.83 -21.02 -4.24
C ARG A 105 -22.94 -20.46 -3.34
N PRO A 106 -24.18 -20.96 -3.48
CA PRO A 106 -25.31 -20.41 -2.73
C PRO A 106 -25.23 -20.65 -1.20
N GLU A 107 -24.45 -21.65 -0.76
CA GLU A 107 -24.40 -22.02 0.67
C GLU A 107 -23.54 -21.01 1.43
N ILE A 108 -22.75 -20.17 0.76
CA ILE A 108 -21.84 -19.23 1.49
C ILE A 108 -22.70 -18.22 2.25
N ARG A 109 -22.47 -18.15 3.56
CA ARG A 109 -23.23 -17.31 4.52
C ARG A 109 -22.57 -15.94 4.61
N TRP A 110 -22.71 -15.14 3.55
CA TRP A 110 -22.10 -13.80 3.41
C TRP A 110 -22.40 -12.91 4.61
N GLU A 111 -23.59 -12.99 5.18
CA GLU A 111 -23.99 -12.06 6.27
C GLU A 111 -23.07 -12.27 7.49
N GLU A 112 -22.65 -13.50 7.79
CA GLU A 112 -21.75 -13.84 8.94
C GLU A 112 -20.36 -13.26 8.67
N SER A 113 -19.91 -13.35 7.43
CA SER A 113 -18.59 -12.85 6.96
C SER A 113 -18.54 -11.31 7.07
N PHE A 114 -19.58 -10.63 6.62
CA PHE A 114 -19.69 -9.15 6.72
C PHE A 114 -19.80 -8.67 8.18
N THR A 115 -20.55 -9.40 9.00
CA THR A 115 -20.64 -9.11 10.46
C THR A 115 -19.22 -9.00 11.00
N ILE A 116 -18.38 -10.02 10.76
CA ILE A 116 -17.00 -10.07 11.32
C ILE A 116 -16.20 -8.92 10.70
N LEU A 117 -16.25 -8.73 9.38
CA LEU A 117 -15.41 -7.69 8.73
C LEU A 117 -15.75 -6.32 9.32
N PHE A 118 -17.02 -5.95 9.40
CA PHE A 118 -17.43 -4.57 9.79
C PHE A 118 -17.24 -4.36 11.29
N ARG A 119 -17.48 -5.36 12.15
CA ARG A 119 -17.13 -5.26 13.59
C ARG A 119 -15.64 -4.90 13.69
N MET A 120 -14.79 -5.51 12.87
CA MET A 120 -13.31 -5.30 12.92
C MET A 120 -12.92 -3.91 12.39
N ILE A 121 -13.51 -3.41 11.31
CA ILE A 121 -12.96 -2.21 10.58
C ILE A 121 -13.87 -0.96 10.72
N GLU A 122 -15.11 -1.10 11.22
CA GLU A 122 -16.13 -0.01 11.14
C GLU A 122 -15.60 1.35 11.62
N THR A 123 -14.84 1.39 12.72
CA THR A 123 -14.38 2.66 13.37
C THR A 123 -13.45 3.43 12.43
N TYR A 124 -12.88 2.78 11.41
CA TYR A 124 -11.87 3.36 10.48
C TYR A 124 -12.51 3.77 9.14
N PHE A 125 -13.84 3.77 9.05
CA PHE A 125 -14.58 3.99 7.78
C PHE A 125 -14.33 5.39 7.23
N ASP A 126 -14.36 6.40 8.10
CA ASP A 126 -14.12 7.81 7.70
C ASP A 126 -12.71 7.93 7.14
N ASP A 127 -11.69 7.48 7.90
CA ASP A 127 -10.27 7.51 7.47
C ASP A 127 -10.13 6.78 6.13
N LEU A 128 -10.78 5.63 5.99
CA LEU A 128 -10.70 4.75 4.80
C LEU A 128 -11.24 5.51 3.58
N MET A 129 -12.40 6.15 3.73
CA MET A 129 -13.10 6.82 2.59
C MET A 129 -12.23 7.98 2.10
N ILE A 130 -11.58 8.70 3.03
CA ILE A 130 -10.63 9.81 2.73
C ILE A 130 -9.41 9.24 1.99
N ASP A 131 -8.76 8.23 2.57
CA ASP A 131 -7.52 7.62 2.02
C ASP A 131 -7.74 7.08 0.59
N LEU A 132 -8.94 6.58 0.27
CA LEU A 132 -9.24 5.96 -1.05
C LEU A 132 -9.73 7.01 -2.06
N TYR A 133 -10.66 7.88 -1.68
CA TYR A 133 -11.51 8.65 -2.63
C TYR A 133 -11.29 10.17 -2.50
N GLY A 134 -10.49 10.64 -1.53
CA GLY A 134 -10.25 12.08 -1.30
C GLY A 134 -10.93 12.59 -0.03
N PHE B 15 14.84 -7.20 -11.55
CA PHE B 15 16.00 -6.50 -10.86
C PHE B 15 17.27 -7.37 -10.92
N GLN B 16 18.34 -6.84 -11.54
CA GLN B 16 19.60 -7.58 -11.86
C GLN B 16 20.75 -7.11 -10.95
N GLY B 17 20.47 -6.22 -10.00
CA GLY B 17 21.46 -5.67 -9.05
C GLY B 17 21.52 -6.50 -7.78
N ALA B 18 22.60 -6.39 -7.01
CA ALA B 18 22.84 -7.18 -5.78
C ALA B 18 22.50 -6.33 -4.52
N SER B 19 22.41 -5.01 -4.64
CA SER B 19 22.33 -4.08 -3.47
C SER B 19 21.05 -3.22 -3.53
N MET B 20 20.16 -3.47 -2.58
CA MET B 20 19.02 -2.58 -2.27
C MET B 20 19.55 -1.21 -1.80
N ARG B 21 20.66 -1.17 -1.07
CA ARG B 21 21.30 0.10 -0.62
C ARG B 21 21.62 0.99 -1.83
N THR B 22 22.38 0.47 -2.78
CA THR B 22 22.79 1.19 -4.02
C THR B 22 21.54 1.66 -4.77
N LEU B 23 20.56 0.77 -4.94
CA LEU B 23 19.32 1.09 -5.66
C LEU B 23 18.62 2.28 -4.96
N LEU B 24 18.45 2.23 -3.64
CA LEU B 24 17.67 3.24 -2.90
C LEU B 24 18.42 4.57 -2.89
N ILE B 25 19.75 4.54 -2.81
CA ILE B 25 20.56 5.79 -2.88
C ILE B 25 20.28 6.41 -4.25
N ARG B 26 20.41 5.62 -5.31
CA ARG B 26 20.22 6.15 -6.68
C ARG B 26 18.79 6.67 -6.83
N TYR B 27 17.80 5.90 -6.40
CA TYR B 27 16.38 6.26 -6.54
C TYR B 27 16.11 7.58 -5.87
N ILE B 28 16.50 7.71 -4.59
CA ILE B 28 16.18 8.93 -3.80
C ILE B 28 16.89 10.13 -4.43
N LEU B 29 18.15 10.00 -4.81
CA LEU B 29 18.90 11.12 -5.44
C LEU B 29 18.24 11.55 -6.74
N TRP B 30 17.72 10.59 -7.50
CA TRP B 30 16.96 10.91 -8.73
C TRP B 30 15.63 11.61 -8.40
N ARG B 31 14.96 11.24 -7.32
CA ARG B 31 13.69 11.90 -6.92
C ARG B 31 14.03 13.33 -6.49
N ASN B 32 15.25 13.57 -6.02
CA ASN B 32 15.66 14.92 -5.57
C ASN B 32 15.92 15.81 -6.79
N ASP B 33 16.67 15.38 -7.80
CA ASP B 33 17.12 16.29 -8.90
C ASP B 33 16.22 16.15 -10.14
N GLY B 34 15.43 15.10 -10.25
CA GLY B 34 14.52 14.88 -11.40
C GLY B 34 15.27 14.89 -12.73
N ASP B 35 16.54 14.51 -12.76
CA ASP B 35 17.40 14.56 -13.97
C ASP B 35 17.08 13.33 -14.83
N PRO B 36 16.49 13.53 -16.01
CA PRO B 36 16.09 12.41 -16.87
C PRO B 36 17.26 11.52 -17.34
N SER B 37 18.48 12.03 -17.36
CA SER B 37 19.70 11.25 -17.67
C SER B 37 19.99 10.24 -16.55
N TYR B 38 19.48 10.44 -15.35
CA TYR B 38 19.73 9.52 -14.21
C TYR B 38 18.51 8.62 -13.96
N TYR B 39 17.53 8.64 -14.85
CA TYR B 39 16.39 7.67 -14.78
C TYR B 39 16.93 6.24 -14.99
N ASN B 40 16.37 5.27 -14.31
CA ASN B 40 16.60 3.84 -14.58
C ASN B 40 15.27 3.13 -14.37
N ASP B 41 14.99 2.09 -15.17
CA ASP B 41 13.68 1.38 -15.13
C ASP B 41 13.60 0.56 -13.83
N ASP B 42 14.74 0.29 -13.18
CA ASP B 42 14.81 -0.25 -11.79
C ASP B 42 13.90 0.58 -10.87
N PHE B 43 13.69 1.88 -11.17
CA PHE B 43 12.97 2.82 -10.30
C PHE B 43 11.45 2.66 -10.41
N GLU B 44 10.94 2.03 -11.46
CA GLU B 44 9.48 1.99 -11.74
C GLU B 44 8.75 1.34 -10.57
N LYS B 45 9.26 0.23 -10.02
CA LYS B 45 8.58 -0.47 -8.90
C LYS B 45 8.63 0.39 -7.61
N LEU B 46 9.67 1.22 -7.45
CA LEU B 46 9.80 2.15 -6.30
C LEU B 46 8.83 3.33 -6.45
N MET B 47 8.58 3.79 -7.68
CA MET B 47 7.69 4.95 -7.97
C MET B 47 6.24 4.61 -7.63
N LEU B 48 5.85 3.35 -7.72
CA LEU B 48 4.48 2.86 -7.37
C LEU B 48 4.21 3.10 -5.88
N LEU B 49 5.25 3.20 -5.05
CA LEU B 49 5.10 3.39 -3.58
C LEU B 49 4.62 4.81 -3.28
N ASP B 50 4.68 5.75 -4.23
CA ASP B 50 4.21 7.15 -4.03
C ASP B 50 2.74 7.18 -3.58
N GLU B 51 1.96 6.13 -3.85
CA GLU B 51 0.53 6.00 -3.43
C GLU B 51 0.44 5.94 -1.89
N LEU B 52 1.51 5.52 -1.20
CA LEU B 52 1.49 5.34 0.27
C LEU B 52 1.58 6.68 1.02
N VAL B 53 1.78 7.81 0.33
CA VAL B 53 1.95 9.14 0.97
C VAL B 53 1.26 10.20 0.11
N ASP B 54 0.30 10.92 0.68
CA ASP B 54 -0.42 12.02 0.00
C ASP B 54 0.51 13.23 -0.10
N ASP B 55 0.57 13.86 -1.27
CA ASP B 55 1.36 15.10 -1.49
C ASP B 55 1.04 16.13 -0.41
N SER B 56 -0.19 16.12 0.11
CA SER B 56 -0.74 17.07 1.12
C SER B 56 -0.01 16.96 2.46
N ASP B 57 0.51 15.77 2.79
CA ASP B 57 1.15 15.50 4.12
C ASP B 57 2.63 15.86 4.09
N VAL B 58 3.23 16.05 2.92
CA VAL B 58 4.71 16.11 2.79
C VAL B 58 5.23 17.31 3.57
N CYS B 59 4.65 18.51 3.35
CA CYS B 59 4.98 19.76 4.08
C CYS B 59 4.93 19.52 5.60
N THR B 60 3.90 18.78 6.08
CA THR B 60 3.69 18.47 7.52
C THR B 60 4.87 17.62 8.01
N LEU B 61 5.24 16.59 7.24
CA LEU B 61 6.34 15.65 7.60
C LEU B 61 7.65 16.43 7.66
N ILE B 62 7.90 17.32 6.70
CA ILE B 62 9.15 18.12 6.67
C ILE B 62 9.25 18.95 7.94
N LYS B 63 8.16 19.65 8.30
CA LYS B 63 8.07 20.55 9.48
C LYS B 63 8.24 19.72 10.76
N ASN B 64 7.60 18.54 10.85
CA ASN B 64 7.75 17.61 12.01
C ASN B 64 9.18 17.11 12.14
N MET B 65 9.94 16.99 11.04
CA MET B 65 11.34 16.48 11.10
C MET B 65 12.29 17.67 11.39
N ARG B 66 11.77 18.91 11.46
CA ARG B 66 12.55 20.11 11.92
C ARG B 66 13.86 20.20 11.13
N MET B 67 13.73 19.97 9.82
CA MET B 67 14.88 19.84 8.91
C MET B 67 15.43 21.25 8.64
N THR B 68 16.75 21.37 8.62
CA THR B 68 17.47 22.57 8.14
C THR B 68 17.76 22.41 6.65
N LEU B 69 18.33 23.45 6.05
CA LEU B 69 18.73 23.46 4.62
C LEU B 69 19.81 22.39 4.37
N SER B 70 20.53 21.96 5.40
CA SER B 70 21.68 21.01 5.32
C SER B 70 21.19 19.54 5.40
N ASP B 71 19.90 19.30 5.66
CA ASP B 71 19.33 17.97 5.98
C ASP B 71 18.54 17.41 4.78
N GLY B 72 18.75 16.13 4.52
CA GLY B 72 17.81 15.30 3.76
C GLY B 72 16.74 14.78 4.73
N PRO B 73 15.87 13.87 4.28
CA PRO B 73 14.86 13.30 5.17
C PRO B 73 15.47 12.80 6.47
N LEU B 74 14.84 13.11 7.60
CA LEU B 74 15.30 12.62 8.93
C LEU B 74 14.16 11.80 9.54
N LEU B 75 14.00 10.58 9.05
CA LEU B 75 12.79 9.77 9.26
C LEU B 75 12.69 9.30 10.72
N ASP B 76 13.79 9.24 11.46
CA ASP B 76 13.80 8.78 12.88
C ASP B 76 13.07 9.79 13.78
N ARG B 77 12.87 11.03 13.31
CA ARG B 77 12.10 12.08 14.02
C ARG B 77 10.58 11.88 13.87
N LEU B 78 10.11 11.01 12.98
CA LEU B 78 8.67 10.91 12.61
C LEU B 78 7.89 10.10 13.63
N ASN B 79 8.58 9.34 14.48
CA ASN B 79 7.93 8.42 15.47
C ASN B 79 6.87 7.59 14.74
N GLN B 80 7.19 7.11 13.55
CA GLN B 80 6.38 6.12 12.80
C GLN B 80 7.07 4.77 12.89
N PRO B 81 6.31 3.67 12.99
CA PRO B 81 6.89 2.34 13.24
C PRO B 81 7.51 1.68 12.01
N VAL B 82 8.57 0.88 12.20
CA VAL B 82 9.15 -0.01 11.15
C VAL B 82 9.27 -1.44 11.67
N ASN B 83 8.25 -2.27 11.43
CA ASN B 83 8.09 -3.63 12.01
C ASN B 83 7.91 -4.68 10.88
N ASN B 84 7.68 -4.25 9.64
CA ASN B 84 7.42 -5.13 8.49
C ASN B 84 7.76 -4.41 7.18
N VAL B 85 7.72 -5.13 6.06
CA VAL B 85 8.12 -4.63 4.72
C VAL B 85 7.20 -3.46 4.30
N GLU B 86 5.92 -3.47 4.71
CA GLU B 86 4.93 -2.42 4.34
C GLU B 86 5.35 -1.09 4.97
N ASP B 87 5.85 -1.11 6.21
CA ASP B 87 6.40 0.08 6.90
C ASP B 87 7.64 0.58 6.14
N VAL B 88 8.50 -0.32 5.66
CA VAL B 88 9.73 0.01 4.89
C VAL B 88 9.32 0.76 3.61
N LYS B 89 8.29 0.28 2.91
CA LYS B 89 7.83 0.87 1.65
C LYS B 89 7.29 2.28 1.90
N ARG B 90 6.61 2.50 3.02
CA ARG B 90 6.10 3.85 3.40
C ARG B 90 7.30 4.77 3.65
N MET B 91 8.36 4.27 4.31
CA MET B 91 9.56 5.07 4.63
C MET B 91 10.27 5.47 3.32
N ILE B 92 10.34 4.56 2.35
CA ILE B 92 10.93 4.86 1.02
C ILE B 92 10.09 5.95 0.34
N ALA B 93 8.77 5.76 0.30
CA ALA B 93 7.84 6.74 -0.29
C ALA B 93 8.03 8.12 0.36
N ILE B 94 8.13 8.18 1.68
CA ILE B 94 8.30 9.46 2.42
C ILE B 94 9.62 10.07 1.97
N SER B 95 10.68 9.25 1.94
CA SER B 95 12.05 9.69 1.56
C SER B 95 11.98 10.30 0.16
N ALA B 96 11.30 9.62 -0.75
CA ALA B 96 11.18 10.06 -2.16
C ALA B 96 10.48 11.41 -2.24
N LYS B 97 9.29 11.55 -1.63
CA LYS B 97 8.50 12.80 -1.77
C LYS B 97 9.20 13.94 -1.05
N VAL B 98 9.81 13.67 0.12
CA VAL B 98 10.56 14.73 0.83
C VAL B 98 11.73 15.14 -0.05
N ALA B 99 12.47 14.17 -0.56
CA ALA B 99 13.62 14.43 -1.45
C ALA B 99 13.14 15.30 -2.64
N ARG B 100 11.98 14.98 -3.20
CA ARG B 100 11.37 15.76 -4.30
C ARG B 100 11.12 17.21 -3.84
N ASP B 101 10.52 17.40 -2.68
CA ASP B 101 9.97 18.72 -2.30
C ASP B 101 11.06 19.62 -1.71
N ILE B 102 12.19 19.11 -1.23
CA ILE B 102 13.17 20.01 -0.53
C ILE B 102 14.10 20.72 -1.53
N GLY B 103 14.09 20.34 -2.80
CA GLY B 103 14.87 21.01 -3.85
C GLY B 103 16.26 20.38 -4.03
N GLU B 104 16.85 20.54 -5.22
CA GLU B 104 18.24 20.06 -5.49
C GLU B 104 19.20 21.16 -5.07
N ARG B 105 19.85 20.96 -3.93
CA ARG B 105 20.78 21.94 -3.33
C ARG B 105 22.04 21.23 -2.88
N PRO B 106 23.24 21.79 -3.14
CA PRO B 106 24.50 21.13 -2.81
C PRO B 106 24.73 20.94 -1.31
N GLU B 107 24.08 21.74 -0.45
CA GLU B 107 24.37 21.70 1.01
C GLU B 107 23.68 20.48 1.62
N ILE B 108 22.73 19.82 0.95
CA ILE B 108 22.02 18.66 1.56
C ILE B 108 23.03 17.53 1.77
N ARG B 109 23.16 17.07 3.02
CA ARG B 109 24.13 16.05 3.49
C ARG B 109 23.45 14.69 3.35
N TRP B 110 23.31 14.22 2.11
CA TRP B 110 22.59 12.96 1.77
C TRP B 110 23.09 11.78 2.59
N GLU B 111 24.39 11.70 2.87
CA GLU B 111 24.99 10.54 3.57
C GLU B 111 24.37 10.41 4.99
N GLU B 112 24.07 11.52 5.66
CA GLU B 112 23.47 11.50 7.04
C GLU B 112 22.03 11.02 6.95
N SER B 113 21.32 11.41 5.88
CA SER B 113 19.92 10.99 5.63
C SER B 113 19.87 9.49 5.35
N PHE B 114 20.77 8.97 4.51
CA PHE B 114 20.85 7.52 4.20
C PHE B 114 21.28 6.73 5.45
N THR B 115 22.18 7.26 6.27
CA THR B 115 22.53 6.63 7.57
C THR B 115 21.25 6.33 8.34
N ILE B 116 20.39 7.32 8.53
CA ILE B 116 19.13 7.15 9.29
C ILE B 116 18.23 6.16 8.55
N LEU B 117 18.03 6.31 7.23
CA LEU B 117 17.11 5.42 6.48
C LEU B 117 17.57 3.96 6.62
N PHE B 118 18.85 3.66 6.39
CA PHE B 118 19.36 2.27 6.33
C PHE B 118 19.45 1.67 7.75
N ARG B 119 19.78 2.43 8.79
CA ARG B 119 19.69 1.95 10.19
C ARG B 119 18.26 1.47 10.41
N MET B 120 17.26 2.20 9.93
CA MET B 120 15.83 1.86 10.16
C MET B 120 15.40 0.62 9.35
N ILE B 121 15.79 0.49 8.07
CA ILE B 121 15.15 -0.50 7.14
C ILE B 121 16.10 -1.66 6.75
N GLU B 122 17.41 -1.56 7.00
CA GLU B 122 18.47 -2.51 6.55
C GLU B 122 18.06 -3.98 6.65
N THR B 123 17.54 -4.38 7.80
CA THR B 123 17.27 -5.79 8.17
C THR B 123 16.17 -6.36 7.27
N TYR B 124 15.38 -5.51 6.60
CA TYR B 124 14.20 -5.91 5.77
C TYR B 124 14.56 -5.91 4.28
N PHE B 125 15.83 -5.77 3.92
CA PHE B 125 16.28 -5.64 2.50
C PHE B 125 15.93 -6.89 1.69
N ASP B 126 16.14 -8.08 2.26
CA ASP B 126 15.83 -9.36 1.57
C ASP B 126 14.32 -9.42 1.29
N ASP B 127 13.49 -9.22 2.32
CA ASP B 127 11.99 -9.23 2.19
C ASP B 127 11.59 -8.20 1.14
N LEU B 128 12.20 -7.00 1.19
CA LEU B 128 11.86 -5.86 0.29
C LEU B 128 12.14 -6.25 -1.16
N MET B 129 13.30 -6.85 -1.42
CA MET B 129 13.72 -7.18 -2.82
C MET B 129 12.75 -8.22 -3.41
N ILE B 130 12.33 -9.19 -2.58
CA ILE B 130 11.31 -10.23 -2.94
C ILE B 130 9.97 -9.54 -3.23
N ASP B 131 9.47 -8.73 -2.28
CA ASP B 131 8.15 -8.05 -2.38
C ASP B 131 8.06 -7.16 -3.64
N LEU B 132 9.17 -6.54 -4.06
CA LEU B 132 9.17 -5.59 -5.21
C LEU B 132 9.42 -6.32 -6.54
N TYR B 133 10.41 -7.22 -6.60
CA TYR B 133 11.06 -7.65 -7.86
C TYR B 133 10.89 -9.17 -8.08
N GLY B 134 10.26 -9.90 -7.14
CA GLY B 134 9.97 -11.34 -7.27
C GLY B 134 10.85 -12.17 -6.35
N GLY C 17 -27.06 -15.91 -12.04
CA GLY C 17 -26.44 -16.00 -10.68
C GLY C 17 -26.85 -17.28 -9.99
N ALA C 18 -26.03 -17.78 -9.04
CA ALA C 18 -26.28 -19.04 -8.30
C ALA C 18 -26.91 -18.77 -6.92
N SER C 19 -26.85 -17.52 -6.40
CA SER C 19 -27.16 -17.18 -4.98
C SER C 19 -28.33 -16.18 -4.87
N MET C 20 -29.42 -16.66 -4.30
CA MET C 20 -30.54 -15.82 -3.80
C MET C 20 -30.03 -14.84 -2.73
N ARG C 21 -29.09 -15.26 -1.88
CA ARG C 21 -28.48 -14.39 -0.85
C ARG C 21 -27.87 -13.15 -1.52
N THR C 22 -26.94 -13.37 -2.44
CA THR C 22 -26.22 -12.31 -3.16
C THR C 22 -27.24 -11.39 -3.87
N LEU C 23 -28.22 -11.96 -4.55
CA LEU C 23 -29.24 -11.17 -5.26
C LEU C 23 -30.00 -10.27 -4.27
N LEU C 24 -30.46 -10.81 -3.15
CA LEU C 24 -31.31 -10.05 -2.18
C LEU C 24 -30.45 -8.98 -1.50
N ILE C 25 -29.18 -9.25 -1.21
CA ILE C 25 -28.28 -8.22 -0.62
C ILE C 25 -28.18 -7.07 -1.64
N ARG C 26 -27.90 -7.40 -2.89
CA ARG C 26 -27.72 -6.36 -3.92
C ARG C 26 -29.02 -5.58 -4.07
N TYR C 27 -30.14 -6.27 -4.20
CA TYR C 27 -31.47 -5.66 -4.39
C TYR C 27 -31.77 -4.68 -3.27
N ILE C 28 -31.65 -5.12 -2.01
CA ILE C 28 -32.02 -4.27 -0.85
C ILE C 28 -31.11 -3.03 -0.82
N LEU C 29 -29.80 -3.20 -1.02
CA LEU C 29 -28.85 -2.05 -0.99
C LEU C 29 -29.22 -1.05 -2.11
N TRP C 30 -29.65 -1.56 -3.26
CA TRP C 30 -30.09 -0.68 -4.37
C TRP C 30 -31.39 0.04 -4.01
N ARG C 31 -32.32 -0.62 -3.32
CA ARG C 31 -33.58 0.05 -2.90
C ARG C 31 -33.23 1.13 -1.87
N ASN C 32 -32.13 0.98 -1.14
CA ASN C 32 -31.69 1.98 -0.16
C ASN C 32 -31.12 3.22 -0.85
N ASP C 33 -30.20 3.07 -1.81
CA ASP C 33 -29.48 4.26 -2.37
C ASP C 33 -30.11 4.75 -3.69
N GLY C 34 -30.93 3.94 -4.36
CA GLY C 34 -31.57 4.30 -5.65
C GLY C 34 -30.55 4.78 -6.70
N ASP C 35 -29.33 4.25 -6.66
CA ASP C 35 -28.23 4.66 -7.55
C ASP C 35 -28.41 3.92 -8.88
N PRO C 36 -28.70 4.67 -9.97
CA PRO C 36 -28.94 4.06 -11.28
C PRO C 36 -27.76 3.25 -11.84
N SER C 37 -26.53 3.53 -11.41
CA SER C 37 -25.31 2.75 -11.76
C SER C 37 -25.37 1.35 -11.15
N TYR C 38 -26.15 1.13 -10.10
CA TYR C 38 -26.22 -0.17 -9.39
C TYR C 38 -27.52 -0.89 -9.75
N TYR C 39 -28.27 -0.38 -10.72
CA TYR C 39 -29.46 -1.09 -11.26
C TYR C 39 -29.00 -2.41 -11.90
N ASN C 40 -29.82 -3.44 -11.78
CA ASN C 40 -29.62 -4.70 -12.54
C ASN C 40 -31.02 -5.21 -12.87
N ASP C 41 -31.21 -5.80 -14.05
CA ASP C 41 -32.54 -6.25 -14.52
C ASP C 41 -32.98 -7.48 -13.71
N ASP C 42 -32.03 -8.15 -13.04
CA ASP C 42 -32.31 -9.21 -12.03
C ASP C 42 -33.32 -8.65 -10.99
N PHE C 43 -33.37 -7.33 -10.77
CA PHE C 43 -34.19 -6.68 -9.72
C PHE C 43 -35.67 -6.56 -10.13
N GLU C 44 -35.99 -6.64 -11.42
CA GLU C 44 -37.34 -6.29 -11.93
C GLU C 44 -38.41 -7.21 -11.28
N LYS C 45 -38.13 -8.50 -11.19
CA LYS C 45 -39.07 -9.50 -10.60
C LYS C 45 -39.20 -9.28 -9.09
N LEU C 46 -38.17 -8.75 -8.43
CA LEU C 46 -38.20 -8.45 -6.97
C LEU C 46 -39.04 -7.18 -6.74
N MET C 47 -38.97 -6.21 -7.66
CA MET C 47 -39.69 -4.91 -7.56
C MET C 47 -41.20 -5.13 -7.63
N LEU C 48 -41.67 -6.19 -8.32
CA LEU C 48 -43.11 -6.56 -8.42
C LEU C 48 -43.69 -6.86 -7.03
N LEU C 49 -42.85 -7.25 -6.07
CA LEU C 49 -43.31 -7.60 -4.70
C LEU C 49 -43.74 -6.34 -3.94
N ASP C 50 -43.39 -5.13 -4.39
CA ASP C 50 -43.76 -3.85 -3.72
C ASP C 50 -45.27 -3.76 -3.51
N GLU C 51 -46.07 -4.47 -4.32
CA GLU C 51 -47.55 -4.49 -4.23
C GLU C 51 -47.99 -5.13 -2.90
N LEU C 52 -47.15 -5.95 -2.26
CA LEU C 52 -47.54 -6.71 -1.03
C LEU C 52 -47.49 -5.80 0.21
N VAL C 53 -47.02 -4.55 0.10
CA VAL C 53 -46.88 -3.63 1.26
C VAL C 53 -47.29 -2.21 0.83
N ASP C 54 -48.27 -1.63 1.52
CA ASP C 54 -48.72 -0.22 1.30
C ASP C 54 -47.65 0.74 1.83
N ASP C 55 -47.32 1.77 1.06
CA ASP C 55 -46.41 2.86 1.49
C ASP C 55 -46.85 3.41 2.85
N SER C 56 -48.15 3.39 3.13
CA SER C 56 -48.77 3.94 4.37
C SER C 56 -48.37 3.15 5.62
N ASP C 57 -48.03 1.88 5.47
CA ASP C 57 -47.69 0.97 6.60
C ASP C 57 -46.20 1.07 6.94
N VAL C 58 -45.36 1.66 6.09
CA VAL C 58 -43.88 1.54 6.22
C VAL C 58 -43.43 2.16 7.55
N CYS C 59 -43.84 3.40 7.83
CA CYS C 59 -43.48 4.12 9.09
C CYS C 59 -43.98 3.29 10.29
N THR C 60 -45.13 2.62 10.20
CA THR C 60 -45.69 1.75 11.28
C THR C 60 -44.71 0.58 11.51
N LEU C 61 -44.25 -0.06 10.44
CA LEU C 61 -43.34 -1.22 10.52
C LEU C 61 -41.99 -0.76 11.11
N ILE C 62 -41.49 0.41 10.70
CA ILE C 62 -40.22 0.97 11.23
C ILE C 62 -40.35 1.13 12.77
N LYS C 63 -41.45 1.74 13.24
CA LYS C 63 -41.72 2.00 14.69
C LYS C 63 -41.90 0.64 15.42
N ASN C 64 -42.59 -0.33 14.83
CA ASN C 64 -42.74 -1.70 15.39
C ASN C 64 -41.36 -2.39 15.52
N MET C 65 -40.40 -2.09 14.64
CA MET C 65 -39.04 -2.70 14.69
C MET C 65 -38.11 -1.86 15.58
N ARG C 66 -38.63 -0.78 16.18
CA ARG C 66 -37.94 0.01 17.24
C ARG C 66 -36.60 0.50 16.68
N MET C 67 -36.59 0.88 15.41
CA MET C 67 -35.37 1.14 14.65
C MET C 67 -34.78 2.49 15.09
N THR C 68 -33.47 2.53 15.30
CA THR C 68 -32.66 3.75 15.47
C THR C 68 -32.04 4.09 14.12
N LEU C 69 -31.28 5.19 14.08
CA LEU C 69 -30.54 5.65 12.90
C LEU C 69 -29.49 4.59 12.49
N SER C 70 -29.05 3.73 13.39
CA SER C 70 -27.97 2.74 13.13
C SER C 70 -28.56 1.41 12.60
N ASP C 71 -29.89 1.28 12.49
CA ASP C 71 -30.58 0.01 12.15
C ASP C 71 -31.08 0.01 10.70
N GLY C 72 -30.87 -1.10 10.02
CA GLY C 72 -31.60 -1.52 8.82
C GLY C 72 -32.86 -2.23 9.25
N PRO C 73 -33.67 -2.76 8.31
CA PRO C 73 -34.87 -3.49 8.68
C PRO C 73 -34.55 -4.60 9.70
N LEU C 74 -35.28 -4.71 10.80
CA LEU C 74 -35.04 -5.75 11.83
C LEU C 74 -36.29 -6.58 11.97
N LEU C 75 -36.50 -7.49 11.01
CA LEU C 75 -37.80 -8.16 10.74
C LEU C 75 -38.24 -9.03 11.92
N ASP C 76 -37.31 -9.53 12.74
CA ASP C 76 -37.65 -10.47 13.85
C ASP C 76 -38.44 -9.73 14.95
N ARG C 77 -38.35 -8.40 14.98
CA ARG C 77 -39.06 -7.54 15.95
C ARG C 77 -40.51 -7.31 15.53
N LEU C 78 -40.91 -7.67 14.30
CA LEU C 78 -42.33 -7.58 13.84
C LEU C 78 -43.15 -8.70 14.50
N ASN C 79 -42.48 -9.74 15.00
CA ASN C 79 -43.09 -10.95 15.61
C ASN C 79 -44.19 -11.46 14.66
N GLN C 80 -43.94 -11.44 13.35
CA GLN C 80 -44.86 -12.01 12.33
C GLN C 80 -44.27 -13.33 11.85
N PRO C 81 -45.10 -14.37 11.65
CA PRO C 81 -44.61 -15.70 11.31
C PRO C 81 -44.23 -15.82 9.83
N VAL C 82 -43.25 -16.68 9.55
CA VAL C 82 -42.82 -17.05 8.16
C VAL C 82 -42.95 -18.57 8.01
N ASN C 83 -43.99 -18.99 7.31
CA ASN C 83 -44.42 -20.42 7.19
C ASN C 83 -44.46 -20.87 5.72
N ASN C 84 -44.40 -19.94 4.77
CA ASN C 84 -44.54 -20.24 3.31
C ASN C 84 -43.86 -19.14 2.50
N VAL C 85 -43.76 -19.35 1.18
CA VAL C 85 -43.04 -18.47 0.23
C VAL C 85 -43.74 -17.10 0.20
N GLU C 86 -45.05 -17.03 0.41
CA GLU C 86 -45.83 -15.76 0.37
C GLU C 86 -45.40 -14.86 1.53
N ASP C 87 -45.16 -15.44 2.71
CA ASP C 87 -44.62 -14.71 3.90
C ASP C 87 -43.20 -14.19 3.56
N VAL C 88 -42.37 -14.99 2.89
CA VAL C 88 -40.99 -14.61 2.48
C VAL C 88 -41.06 -13.39 1.57
N LYS C 89 -41.96 -13.40 0.57
CA LYS C 89 -42.05 -12.33 -0.44
C LYS C 89 -42.48 -11.03 0.26
N ARG C 90 -43.37 -11.13 1.26
CA ARG C 90 -43.82 -9.94 2.05
C ARG C 90 -42.62 -9.41 2.82
N MET C 91 -41.79 -10.27 3.41
CA MET C 91 -40.61 -9.85 4.20
C MET C 91 -39.59 -9.14 3.28
N ILE C 92 -39.41 -9.63 2.07
CA ILE C 92 -38.53 -8.96 1.07
C ILE C 92 -39.11 -7.56 0.76
N ALA C 93 -40.39 -7.50 0.43
CA ALA C 93 -41.11 -6.23 0.13
C ALA C 93 -40.96 -5.25 1.29
N ILE C 94 -41.10 -5.72 2.53
CA ILE C 94 -40.97 -4.86 3.73
C ILE C 94 -39.55 -4.34 3.76
N SER C 95 -38.58 -5.23 3.58
CA SER C 95 -37.13 -4.90 3.64
C SER C 95 -36.87 -3.81 2.60
N ALA C 96 -37.40 -3.99 1.39
CA ALA C 96 -37.18 -3.06 0.26
C ALA C 96 -37.75 -1.67 0.59
N LYS C 97 -39.01 -1.59 1.01
CA LYS C 97 -39.65 -0.26 1.26
C LYS C 97 -39.02 0.39 2.48
N VAL C 98 -38.69 -0.38 3.51
CA VAL C 98 -38.01 0.21 4.70
C VAL C 98 -36.66 0.73 4.25
N ALA C 99 -35.91 -0.08 3.52
CA ALA C 99 -34.59 0.32 2.98
C ALA C 99 -34.75 1.62 2.18
N ARG C 100 -35.79 1.71 1.37
CA ARG C 100 -36.10 2.94 0.58
C ARG C 100 -36.33 4.13 1.53
N ASP C 101 -37.14 3.96 2.57
CA ASP C 101 -37.65 5.11 3.36
C ASP C 101 -36.63 5.55 4.39
N ILE C 102 -35.66 4.71 4.81
CA ILE C 102 -34.79 5.10 5.97
C ILE C 102 -33.65 6.01 5.50
N GLY C 103 -33.40 6.12 4.18
CA GLY C 103 -32.36 7.00 3.65
C GLY C 103 -31.02 6.31 3.51
N GLU C 104 -30.17 6.81 2.62
CA GLU C 104 -28.79 6.30 2.40
C GLU C 104 -27.89 7.00 3.44
N ARG C 105 -27.52 6.29 4.50
CA ARG C 105 -26.72 6.84 5.63
C ARG C 105 -25.64 5.82 6.01
N PRO C 106 -24.42 6.29 6.30
CA PRO C 106 -23.29 5.39 6.60
C PRO C 106 -23.46 4.55 7.87
N GLU C 107 -24.27 5.03 8.82
CA GLU C 107 -24.34 4.40 10.15
C GLU C 107 -25.26 3.16 10.06
N ILE C 108 -26.04 2.97 9.00
CA ILE C 108 -26.94 1.78 8.94
C ILE C 108 -26.10 0.50 8.91
N ARG C 109 -26.34 -0.39 9.87
CA ARG C 109 -25.60 -1.66 10.07
C ARG C 109 -26.26 -2.77 9.25
N TRP C 110 -26.11 -2.71 7.92
CA TRP C 110 -26.72 -3.64 6.96
C TRP C 110 -26.43 -5.11 7.32
N GLU C 111 -25.25 -5.41 7.82
CA GLU C 111 -24.86 -6.83 8.11
C GLU C 111 -25.83 -7.43 9.14
N GLU C 112 -26.26 -6.65 10.15
CA GLU C 112 -27.18 -7.13 11.23
C GLU C 112 -28.56 -7.39 10.61
N SER C 113 -28.99 -6.50 9.71
CA SER C 113 -30.28 -6.59 9.00
C SER C 113 -30.33 -7.85 8.13
N PHE C 114 -29.28 -8.11 7.36
CA PHE C 114 -29.21 -9.31 6.48
C PHE C 114 -29.12 -10.61 7.31
N THR C 115 -28.37 -10.58 8.41
CA THR C 115 -28.32 -11.73 9.36
C THR C 115 -29.75 -12.14 9.70
N ILE C 116 -30.56 -11.19 10.15
CA ILE C 116 -31.95 -11.47 10.58
C ILE C 116 -32.76 -11.92 9.37
N LEU C 117 -32.68 -11.23 8.24
CA LEU C 117 -33.50 -11.61 7.04
C LEU C 117 -33.20 -13.07 6.65
N PHE C 118 -31.93 -13.45 6.51
CA PHE C 118 -31.57 -14.80 5.95
C PHE C 118 -31.82 -15.90 6.99
N ARG C 119 -31.58 -15.64 8.28
CA ARG C 119 -31.97 -16.62 9.33
C ARG C 119 -33.47 -16.92 9.16
N MET C 120 -34.29 -15.90 8.91
CA MET C 120 -35.77 -16.03 8.78
C MET C 120 -36.17 -16.76 7.49
N ILE C 121 -35.57 -16.46 6.33
CA ILE C 121 -36.13 -16.90 5.01
C ILE C 121 -35.27 -17.97 4.31
N GLU C 122 -34.03 -18.20 4.74
CA GLU C 122 -33.03 -19.10 4.09
C GLU C 122 -33.64 -20.39 3.53
N THR C 123 -34.41 -21.10 4.35
CA THR C 123 -34.91 -22.48 4.07
C THR C 123 -35.88 -22.46 2.89
N TYR C 124 -36.43 -21.28 2.53
CA TYR C 124 -37.46 -21.11 1.48
C TYR C 124 -36.84 -20.59 0.17
N PHE C 125 -35.51 -20.61 0.04
CA PHE C 125 -34.78 -20.09 -1.14
C PHE C 125 -35.17 -20.89 -2.39
N ASP C 126 -35.29 -22.22 -2.28
CA ASP C 126 -35.71 -23.10 -3.41
C ASP C 126 -37.10 -22.68 -3.89
N ASP C 127 -38.09 -22.64 -2.98
CA ASP C 127 -39.50 -22.27 -3.28
C ASP C 127 -39.49 -20.87 -3.92
N LEU C 128 -38.69 -19.96 -3.37
CA LEU C 128 -38.65 -18.54 -3.80
C LEU C 128 -38.14 -18.46 -5.25
N MET C 129 -37.07 -19.18 -5.55
CA MET C 129 -36.43 -19.14 -6.90
C MET C 129 -37.41 -19.67 -7.95
N ILE C 130 -38.16 -20.71 -7.61
CA ILE C 130 -39.22 -21.32 -8.48
C ILE C 130 -40.34 -20.29 -8.68
N ASP C 131 -40.88 -19.74 -7.60
CA ASP C 131 -42.01 -18.77 -7.63
C ASP C 131 -41.67 -17.53 -8.47
N LEU C 132 -40.41 -17.08 -8.47
CA LEU C 132 -39.99 -15.84 -9.17
C LEU C 132 -39.57 -16.17 -10.60
N TYR C 133 -38.90 -17.31 -10.77
CA TYR C 133 -38.22 -17.78 -12.00
C TYR C 133 -38.63 -19.25 -12.21
N SER D 19 25.17 18.07 -4.85
CA SER D 19 25.51 18.60 -6.24
C SER D 19 26.79 17.93 -6.71
N MET D 20 27.97 18.36 -6.25
CA MET D 20 29.22 17.56 -6.30
C MET D 20 29.04 16.28 -5.46
N ARG D 21 28.37 16.39 -4.32
CA ARG D 21 28.02 15.26 -3.42
C ARG D 21 27.27 14.19 -4.23
N THR D 22 26.14 14.54 -4.83
CA THR D 22 25.32 13.57 -5.59
C THR D 22 26.15 13.00 -6.75
N LEU D 23 26.92 13.80 -7.47
CA LEU D 23 27.77 13.31 -8.58
C LEU D 23 28.74 12.25 -8.07
N LEU D 24 29.44 12.52 -6.97
CA LEU D 24 30.48 11.60 -6.45
C LEU D 24 29.83 10.33 -5.92
N ILE D 25 28.68 10.43 -5.28
CA ILE D 25 27.92 9.23 -4.81
C ILE D 25 27.60 8.37 -6.04
N ARG D 26 27.03 8.98 -7.06
CA ARG D 26 26.62 8.24 -8.28
C ARG D 26 27.86 7.62 -8.92
N TYR D 27 28.93 8.39 -9.09
CA TYR D 27 30.18 7.94 -9.74
C TYR D 27 30.72 6.72 -9.02
N ILE D 28 30.87 6.81 -7.69
CA ILE D 28 31.50 5.73 -6.91
C ILE D 28 30.65 4.47 -6.98
N LEU D 29 29.33 4.59 -6.84
CA LEU D 29 28.42 3.42 -6.92
C LEU D 29 28.51 2.77 -8.30
N TRP D 30 28.66 3.57 -9.35
CA TRP D 30 28.83 3.04 -10.73
C TRP D 30 30.20 2.33 -10.86
N ARG D 31 31.25 2.84 -10.23
CA ARG D 31 32.57 2.18 -10.26
C ARG D 31 32.47 0.85 -9.52
N ASN D 32 31.55 0.75 -8.57
CA ASN D 32 31.37 -0.49 -7.79
C ASN D 32 30.66 -1.56 -8.64
N ASP D 33 29.56 -1.24 -9.33
CA ASP D 33 28.76 -2.29 -10.02
C ASP D 33 29.07 -2.38 -11.53
N GLY D 34 29.73 -1.37 -12.12
CA GLY D 34 30.05 -1.34 -13.56
C GLY D 34 28.83 -1.59 -14.45
N ASP D 35 27.64 -1.17 -14.02
CA ASP D 35 26.37 -1.37 -14.75
C ASP D 35 26.26 -0.32 -15.86
N PRO D 36 26.31 -0.73 -17.14
CA PRO D 36 26.24 0.22 -18.26
C PRO D 36 24.94 1.04 -18.32
N SER D 37 23.85 0.56 -17.74
CA SER D 37 22.57 1.33 -17.58
C SER D 37 22.76 2.53 -16.65
N TYR D 38 23.74 2.51 -15.77
CA TYR D 38 23.95 3.58 -14.77
C TYR D 38 25.12 4.46 -15.17
N TYR D 39 25.65 4.27 -16.39
CA TYR D 39 26.69 5.17 -16.96
C TYR D 39 26.11 6.58 -17.11
N ASN D 40 26.94 7.59 -16.90
CA ASN D 40 26.58 8.98 -17.25
C ASN D 40 27.86 9.63 -17.74
N ASP D 41 27.78 10.52 -18.73
CA ASP D 41 28.98 11.16 -19.36
C ASP D 41 29.57 12.15 -18.36
N ASP D 42 28.81 12.58 -17.36
CA ASP D 42 29.30 13.37 -16.20
C ASP D 42 30.52 12.64 -15.58
N PHE D 43 30.61 11.31 -15.71
CA PHE D 43 31.65 10.48 -15.07
C PHE D 43 32.99 10.55 -15.81
N GLU D 44 33.02 10.98 -17.08
CA GLU D 44 34.21 10.85 -17.94
C GLU D 44 35.39 11.62 -17.32
N LYS D 45 35.16 12.84 -16.84
CA LYS D 45 36.22 13.69 -16.24
C LYS D 45 36.69 13.09 -14.90
N LEU D 46 35.83 12.37 -14.18
CA LEU D 46 36.20 11.69 -12.91
C LEU D 46 37.05 10.45 -13.22
N MET D 47 36.76 9.74 -14.32
CA MET D 47 37.46 8.49 -14.72
C MET D 47 38.93 8.79 -15.06
N LEU D 48 39.23 10.00 -15.52
CA LEU D 48 40.61 10.45 -15.88
C LEU D 48 41.51 10.42 -14.63
N LEU D 49 40.91 10.53 -13.44
CA LEU D 49 41.67 10.53 -12.16
C LEU D 49 42.24 9.15 -11.86
N ASP D 50 41.79 8.08 -12.53
CA ASP D 50 42.31 6.69 -12.31
C ASP D 50 43.83 6.63 -12.49
N GLU D 51 44.43 7.56 -13.23
CA GLU D 51 45.90 7.61 -13.46
C GLU D 51 46.63 7.93 -12.14
N LEU D 52 45.96 8.52 -11.15
CA LEU D 52 46.60 8.93 -9.85
C LEU D 52 46.81 7.72 -8.93
N VAL D 53 46.36 6.52 -9.28
CA VAL D 53 46.48 5.31 -8.42
C VAL D 53 46.79 4.09 -9.30
N ASP D 54 47.89 3.40 -9.03
CA ASP D 54 48.27 2.12 -9.71
C ASP D 54 47.35 1.00 -9.22
N ASP D 55 46.81 0.20 -10.14
CA ASP D 55 45.97 -0.99 -9.82
C ASP D 55 46.68 -1.86 -8.78
N SER D 56 48.02 -1.89 -8.80
CA SER D 56 48.82 -2.80 -7.92
C SER D 56 48.77 -2.36 -6.45
N ASP D 57 48.51 -1.07 -6.20
CA ASP D 57 48.50 -0.48 -4.84
C ASP D 57 47.11 -0.60 -4.21
N VAL D 58 46.08 -0.97 -4.95
CA VAL D 58 44.67 -0.93 -4.45
C VAL D 58 44.54 -1.87 -3.24
N CYS D 59 44.97 -3.13 -3.38
CA CYS D 59 44.92 -4.15 -2.30
C CYS D 59 45.69 -3.61 -1.07
N THR D 60 46.81 -2.89 -1.27
CA THR D 60 47.63 -2.27 -0.19
C THR D 60 46.77 -1.22 0.55
N LEU D 61 46.09 -0.36 -0.21
CA LEU D 61 45.24 0.72 0.36
C LEU D 61 44.08 0.09 1.14
N ILE D 62 43.46 -0.96 0.62
CA ILE D 62 42.33 -1.65 1.30
C ILE D 62 42.83 -2.15 2.66
N LYS D 63 43.99 -2.83 2.70
CA LYS D 63 44.58 -3.42 3.92
C LYS D 63 45.01 -2.30 4.89
N ASN D 64 45.56 -1.20 4.39
CA ASN D 64 45.88 0.01 5.20
C ASN D 64 44.62 0.61 5.85
N MET D 65 43.46 0.51 5.19
CA MET D 65 42.19 1.07 5.72
C MET D 65 41.47 0.03 6.60
N ARG D 66 42.06 -1.16 6.76
CA ARG D 66 41.61 -2.22 7.71
C ARG D 66 40.15 -2.53 7.41
N MET D 67 39.79 -2.57 6.13
CA MET D 67 38.39 -2.67 5.67
C MET D 67 37.90 -4.10 5.89
N THR D 68 36.68 -4.23 6.43
CA THR D 68 35.91 -5.51 6.50
C THR D 68 34.99 -5.61 5.28
N LEU D 69 34.26 -6.71 5.18
CA LEU D 69 33.29 -6.96 4.09
C LEU D 69 32.15 -5.92 4.14
N SER D 70 31.93 -5.28 5.30
CA SER D 70 30.81 -4.34 5.50
C SER D 70 31.24 -2.90 5.18
N ASP D 71 32.50 -2.66 4.80
CA ASP D 71 33.08 -1.31 4.62
C ASP D 71 33.26 -0.97 3.13
N GLY D 72 32.92 0.27 2.76
CA GLY D 72 33.46 0.92 1.56
C GLY D 72 34.78 1.58 1.93
N PRO D 73 35.37 2.38 1.02
CA PRO D 73 36.62 3.09 1.30
C PRO D 73 36.56 3.85 2.62
N LEU D 74 37.57 3.69 3.49
CA LEU D 74 37.61 4.43 4.79
C LEU D 74 38.88 5.27 4.82
N LEU D 75 38.85 6.39 4.10
CA LEU D 75 40.04 7.15 3.68
C LEU D 75 40.72 7.82 4.90
N ASP D 76 40.00 8.07 5.99
CA ASP D 76 40.58 8.75 7.19
C ASP D 76 41.62 7.85 7.87
N ARG D 77 41.57 6.53 7.62
CA ARG D 77 42.50 5.54 8.18
C ARG D 77 43.81 5.50 7.39
N LEU D 78 43.90 6.15 6.22
CA LEU D 78 45.16 6.28 5.43
C LEU D 78 46.08 7.29 6.11
N ASN D 79 45.55 8.14 7.00
CA ASN D 79 46.28 9.24 7.69
C ASN D 79 47.11 10.00 6.66
N GLN D 80 46.53 10.25 5.49
CA GLN D 80 47.15 11.12 4.45
C GLN D 80 46.43 12.46 4.48
N PRO D 81 47.19 13.57 4.33
CA PRO D 81 46.63 14.90 4.48
C PRO D 81 45.82 15.35 3.25
N VAL D 82 44.80 16.17 3.47
CA VAL D 82 43.99 16.80 2.38
C VAL D 82 44.04 18.32 2.56
N ASN D 83 44.90 18.97 1.77
CA ASN D 83 45.25 20.41 1.90
C ASN D 83 44.96 21.18 0.61
N ASN D 84 44.69 20.49 -0.51
CA ASN D 84 44.48 21.12 -1.84
C ASN D 84 43.65 20.19 -2.72
N VAL D 85 43.25 20.69 -3.89
CA VAL D 85 42.35 19.99 -4.83
C VAL D 85 43.05 18.72 -5.36
N GLU D 86 44.37 18.71 -5.48
CA GLU D 86 45.15 17.54 -5.99
C GLU D 86 45.00 16.37 -5.01
N ASP D 87 45.03 16.64 -3.70
CA ASP D 87 44.79 15.62 -2.63
C ASP D 87 43.35 15.07 -2.77
N VAL D 88 42.38 15.96 -3.03
CA VAL D 88 40.94 15.58 -3.21
C VAL D 88 40.81 14.60 -4.39
N LYS D 89 41.47 14.92 -5.51
CA LYS D 89 41.36 14.12 -6.75
C LYS D 89 41.95 12.74 -6.50
N ARG D 90 43.03 12.65 -5.72
CA ARG D 90 43.65 11.34 -5.37
C ARG D 90 42.67 10.55 -4.51
N MET D 91 41.99 11.19 -3.58
CA MET D 91 41.03 10.52 -2.66
C MET D 91 39.85 9.97 -3.48
N ILE D 92 39.39 10.73 -4.47
CA ILE D 92 38.30 10.27 -5.38
C ILE D 92 38.79 9.03 -6.14
N ALA D 93 39.97 9.13 -6.76
CA ALA D 93 40.59 8.01 -7.51
C ALA D 93 40.70 6.77 -6.62
N ILE D 94 41.14 6.92 -5.37
CA ILE D 94 41.30 5.78 -4.43
C ILE D 94 39.92 5.18 -4.22
N SER D 95 38.93 6.03 -3.94
CA SER D 95 37.53 5.61 -3.66
C SER D 95 37.03 4.81 -4.86
N ALA D 96 37.27 5.30 -6.07
CA ALA D 96 36.80 4.65 -7.32
C ALA D 96 37.44 3.26 -7.48
N LYS D 97 38.76 3.16 -7.37
CA LYS D 97 39.43 1.86 -7.63
C LYS D 97 39.11 0.88 -6.51
N VAL D 98 39.03 1.36 -5.27
CA VAL D 98 38.64 0.47 -4.14
C VAL D 98 37.22 -0.01 -4.41
N ALA D 99 36.32 0.91 -4.73
CA ALA D 99 34.92 0.57 -5.03
C ALA D 99 34.89 -0.49 -6.14
N ARG D 100 35.72 -0.32 -7.17
CA ARG D 100 35.85 -1.30 -8.28
C ARG D 100 36.27 -2.68 -7.73
N ASP D 101 37.30 -2.72 -6.89
CA ASP D 101 37.95 -4.00 -6.54
C ASP D 101 37.19 -4.72 -5.43
N ILE D 102 36.37 -4.05 -4.62
CA ILE D 102 35.79 -4.72 -3.41
C ILE D 102 34.56 -5.52 -3.79
N GLY D 103 34.02 -5.38 -5.01
CA GLY D 103 32.89 -6.22 -5.47
C GLY D 103 31.56 -5.56 -5.17
N GLU D 104 30.54 -5.91 -5.97
CA GLU D 104 29.14 -5.45 -5.82
C GLU D 104 28.49 -6.37 -4.78
N ARG D 105 28.39 -5.93 -3.53
CA ARG D 105 27.90 -6.77 -2.41
C ARG D 105 26.93 -5.94 -1.57
N PRO D 106 25.79 -6.54 -1.16
CA PRO D 106 24.77 -5.81 -0.41
C PRO D 106 25.21 -5.31 0.97
N GLU D 107 26.22 -5.96 1.57
CA GLU D 107 26.59 -5.67 2.98
C GLU D 107 27.45 -4.39 3.02
N ILE D 108 27.94 -3.87 1.89
CA ILE D 108 28.83 -2.67 1.96
C ILE D 108 27.96 -1.47 2.39
N ARG D 109 28.36 -0.80 3.47
CA ARG D 109 27.63 0.31 4.12
C ARG D 109 28.17 1.61 3.50
N TRP D 110 27.73 1.87 2.25
CA TRP D 110 28.18 3.03 1.44
C TRP D 110 27.99 4.34 2.21
N GLU D 111 26.93 4.49 2.98
CA GLU D 111 26.63 5.78 3.68
C GLU D 111 27.79 6.12 4.65
N GLU D 112 28.40 5.14 5.31
CA GLU D 112 29.50 5.37 6.29
C GLU D 112 30.76 5.80 5.52
N SER D 113 30.98 5.20 4.35
CA SER D 113 32.12 5.54 3.45
C SER D 113 31.99 6.98 2.96
N PHE D 114 30.80 7.37 2.48
CA PHE D 114 30.53 8.74 1.97
C PHE D 114 30.64 9.76 3.12
N THR D 115 30.15 9.42 4.32
CA THR D 115 30.33 10.28 5.53
C THR D 115 31.81 10.69 5.63
N ILE D 116 32.71 9.70 5.64
CA ILE D 116 34.17 9.96 5.79
C ILE D 116 34.67 10.76 4.59
N LEU D 117 34.33 10.35 3.35
CA LEU D 117 34.83 11.06 2.15
C LEU D 117 34.44 12.53 2.21
N PHE D 118 33.16 12.85 2.45
CA PHE D 118 32.66 14.26 2.34
C PHE D 118 33.14 15.10 3.52
N ARG D 119 33.23 14.54 4.73
CA ARG D 119 33.84 15.26 5.88
C ARG D 119 35.26 15.70 5.43
N MET D 120 36.01 14.85 4.74
CA MET D 120 37.40 15.13 4.31
C MET D 120 37.45 16.17 3.18
N ILE D 121 36.59 16.09 2.16
CA ILE D 121 36.78 16.88 0.90
C ILE D 121 35.74 17.98 0.71
N GLU D 122 34.66 18.02 1.48
CA GLU D 122 33.50 18.95 1.31
C GLU D 122 33.93 20.38 0.99
N THR D 123 34.86 20.91 1.78
CA THR D 123 35.29 22.34 1.76
C THR D 123 35.95 22.67 0.42
N TYR D 124 36.38 21.67 -0.36
CA TYR D 124 37.14 21.83 -1.63
C TYR D 124 36.23 21.59 -2.84
N PHE D 125 34.91 21.60 -2.65
CA PHE D 125 33.93 21.31 -3.74
C PHE D 125 34.03 22.40 -4.82
N ASP D 126 34.16 23.65 -4.42
CA ASP D 126 34.33 24.81 -5.33
C ASP D 126 35.60 24.60 -6.18
N ASP D 127 36.75 24.39 -5.55
CA ASP D 127 38.06 24.19 -6.23
C ASP D 127 37.90 23.00 -7.19
N LEU D 128 37.24 21.93 -6.74
CA LEU D 128 37.11 20.67 -7.51
C LEU D 128 36.30 20.93 -8.78
N MET D 129 35.18 21.64 -8.66
CA MET D 129 34.27 21.92 -9.81
C MET D 129 35.02 22.76 -10.85
N ILE D 130 35.83 23.72 -10.42
CA ILE D 130 36.69 24.57 -11.29
C ILE D 130 37.73 23.68 -12.00
N ASP D 131 38.49 22.87 -11.24
CA ASP D 131 39.58 22.01 -11.78
C ASP D 131 39.04 21.03 -12.84
N LEU D 132 37.80 20.54 -12.66
CA LEU D 132 37.22 19.49 -13.54
C LEU D 132 36.47 20.14 -14.72
N TYR D 133 35.78 21.27 -14.54
CA TYR D 133 34.76 21.77 -15.51
C TYR D 133 35.11 23.17 -16.05
#